data_1AG7
#
_entry.id   1AG7
#
_cell.length_a   1.000
_cell.length_b   1.000
_cell.length_c   1.000
_cell.angle_alpha   90.00
_cell.angle_beta   90.00
_cell.angle_gamma   90.00
#
_symmetry.space_group_name_H-M   'P 1'
#
_entity_poly.entity_id   1
_entity_poly.type   'polypeptide(L)'
_entity_poly.pdbx_seq_one_letter_code
;ACSGRGSRC(HYP)(HYP)QCCMGLRCGRGNPQKCIGAH(CGU)DV
;
_entity_poly.pdbx_strand_id   A
#
# COMPACT_ATOMS: atom_id res chain seq x y z
N ALA A 1 -1.80 11.98 6.85
CA ALA A 1 -2.13 11.66 5.43
C ALA A 1 -1.76 10.20 5.15
N CYS A 2 -2.61 9.54 4.40
CA CYS A 2 -2.45 8.10 4.01
C CYS A 2 -1.08 7.78 3.34
N SER A 3 -0.90 6.51 3.04
CA SER A 3 0.36 6.03 2.39
C SER A 3 0.13 5.96 0.87
N GLY A 4 1.21 5.95 0.14
CA GLY A 4 1.16 5.88 -1.34
C GLY A 4 1.77 4.55 -1.78
N ARG A 5 1.69 4.27 -3.06
CA ARG A 5 2.25 2.99 -3.58
C ARG A 5 3.80 3.02 -3.52
N GLY A 6 4.30 2.72 -2.36
CA GLY A 6 5.77 2.70 -2.11
C GLY A 6 6.07 2.85 -0.61
N SER A 7 5.05 3.09 0.16
CA SER A 7 5.22 3.26 1.65
C SER A 7 4.26 2.27 2.33
N ARG A 8 4.66 1.77 3.48
CA ARG A 8 3.79 0.80 4.22
C ARG A 8 2.68 1.49 5.01
N CYS A 9 2.03 0.72 5.84
CA CYS A 9 0.92 1.23 6.69
C CYS A 9 1.17 0.96 8.21
N GLN A 12 -2.38 4.54 6.90
CA GLN A 12 -3.24 3.60 6.12
C GLN A 12 -3.13 3.98 4.64
N CYS A 13 -2.87 3.01 3.80
CA CYS A 13 -2.76 3.32 2.34
C CYS A 13 -3.99 4.05 1.81
N CYS A 14 -3.71 5.02 0.98
CA CYS A 14 -4.75 5.88 0.34
C CYS A 14 -5.78 5.05 -0.45
N MET A 15 -6.80 5.74 -0.90
CA MET A 15 -7.88 5.09 -1.70
C MET A 15 -7.30 4.37 -2.91
N GLY A 16 -7.67 3.12 -3.03
CA GLY A 16 -7.20 2.27 -4.16
C GLY A 16 -6.09 1.31 -3.69
N LEU A 17 -5.35 1.70 -2.69
CA LEU A 17 -4.25 0.83 -2.17
C LEU A 17 -4.66 -0.07 -1.00
N ARG A 18 -3.78 -1.01 -0.78
CA ARG A 18 -3.89 -2.04 0.28
C ARG A 18 -2.47 -2.24 0.83
N CYS A 19 -2.40 -2.56 2.09
CA CYS A 19 -1.08 -2.78 2.76
C CYS A 19 -0.41 -4.10 2.37
N GLY A 20 0.53 -4.04 1.45
CA GLY A 20 1.25 -5.26 0.99
C GLY A 20 2.29 -5.67 2.03
N ARG A 21 2.04 -6.77 2.68
CA ARG A 21 2.96 -7.30 3.72
C ARG A 21 4.31 -7.72 3.10
N GLY A 22 5.30 -7.84 3.96
CA GLY A 22 6.67 -8.24 3.53
C GLY A 22 7.71 -7.37 4.24
N ASN A 23 8.95 -7.56 3.87
CA ASN A 23 10.06 -6.77 4.49
C ASN A 23 10.97 -6.23 3.36
N PRO A 24 11.05 -4.92 3.18
CA PRO A 24 10.24 -3.89 3.91
C PRO A 24 8.78 -3.87 3.44
N GLN A 25 7.87 -3.70 4.37
CA GLN A 25 6.40 -3.65 4.03
C GLN A 25 6.15 -2.49 3.05
N LYS A 26 5.16 -2.63 2.21
CA LYS A 26 4.84 -1.55 1.23
C LYS A 26 3.41 -1.68 0.68
N CYS A 27 2.69 -0.58 0.62
CA CYS A 27 1.31 -0.63 0.10
C CYS A 27 1.38 -0.75 -1.43
N ILE A 28 0.41 -1.43 -1.97
CA ILE A 28 0.31 -1.67 -3.43
C ILE A 28 -1.15 -1.36 -3.78
N GLY A 29 -1.53 -1.58 -4.99
CA GLY A 29 -2.94 -1.30 -5.41
C GLY A 29 -3.79 -2.57 -5.39
N ALA A 30 -4.99 -2.40 -4.89
CA ALA A 30 -5.98 -3.53 -4.79
C ALA A 30 -6.58 -3.71 -6.18
N HIS A 31 -6.92 -2.58 -6.77
CA HIS A 31 -7.53 -2.57 -8.14
C HIS A 31 -6.41 -2.53 -9.20
N ASP A 33 -4.52 -5.27 -10.66
CA ASP A 33 -4.42 -6.73 -10.91
C ASP A 33 -3.56 -7.04 -12.13
N VAL A 34 -2.54 -6.24 -12.29
CA VAL A 34 -1.58 -6.37 -13.42
C VAL A 34 -0.13 -6.29 -12.87
N ALA A 1 -1.76 12.16 6.76
CA ALA A 1 -2.19 11.78 5.39
C ALA A 1 -1.79 10.32 5.14
N CYS A 2 -2.62 9.66 4.35
CA CYS A 2 -2.42 8.22 3.97
C CYS A 2 -1.04 7.93 3.32
N SER A 3 -0.83 6.67 3.02
CA SER A 3 0.45 6.22 2.38
C SER A 3 0.21 5.96 0.90
N GLY A 4 1.23 6.16 0.10
CA GLY A 4 1.13 5.94 -1.38
C GLY A 4 1.77 4.59 -1.74
N ARG A 5 1.66 4.22 -2.99
CA ARG A 5 2.26 2.92 -3.43
C ARG A 5 3.79 3.02 -3.33
N GLY A 6 4.29 2.61 -2.19
CA GLY A 6 5.75 2.66 -1.91
C GLY A 6 6.00 2.83 -0.41
N SER A 7 4.94 3.15 0.30
CA SER A 7 5.02 3.36 1.78
C SER A 7 4.11 2.33 2.46
N ARG A 8 4.52 1.87 3.61
CA ARG A 8 3.73 0.86 4.36
C ARG A 8 2.62 1.52 5.19
N CYS A 9 1.97 0.71 5.98
CA CYS A 9 0.87 1.19 6.85
C CYS A 9 1.24 1.06 8.35
N GLN A 12 -2.26 4.63 6.82
CA GLN A 12 -3.12 3.66 6.08
C GLN A 12 -2.99 3.96 4.60
N CYS A 13 -2.83 2.95 3.78
CA CYS A 13 -2.69 3.22 2.33
C CYS A 13 -3.93 3.96 1.80
N CYS A 14 -3.65 4.94 0.98
CA CYS A 14 -4.69 5.79 0.35
C CYS A 14 -5.74 4.97 -0.42
N MET A 15 -6.76 5.67 -0.85
CA MET A 15 -7.87 5.02 -1.62
C MET A 15 -7.33 4.25 -2.83
N GLY A 16 -7.77 3.03 -2.95
CA GLY A 16 -7.36 2.14 -4.07
C GLY A 16 -6.21 1.23 -3.65
N LEU A 17 -5.44 1.67 -2.69
CA LEU A 17 -4.29 0.86 -2.20
C LEU A 17 -4.65 -0.09 -1.06
N ARG A 18 -3.75 -1.01 -0.86
CA ARG A 18 -3.83 -2.05 0.19
C ARG A 18 -2.39 -2.27 0.65
N CYS A 19 -2.26 -2.60 1.92
CA CYS A 19 -0.90 -2.83 2.51
C CYS A 19 -0.38 -4.24 2.17
N GLY A 20 0.67 -4.28 1.37
CA GLY A 20 1.28 -5.60 0.97
C GLY A 20 2.57 -5.91 1.71
N ARG A 21 2.89 -7.18 1.74
CA ARG A 21 4.12 -7.74 2.40
C ARG A 21 4.05 -7.69 3.93
N GLY A 22 5.19 -7.83 4.57
CA GLY A 22 5.28 -7.81 6.06
C GLY A 22 6.43 -6.93 6.54
N ASN A 23 7.58 -7.12 5.96
CA ASN A 23 8.77 -6.31 6.35
C ASN A 23 9.85 -6.34 5.25
N PRO A 24 10.36 -5.19 4.82
CA PRO A 24 9.76 -3.84 5.05
C PRO A 24 8.49 -3.72 4.19
N GLN A 25 7.36 -3.73 4.84
CA GLN A 25 6.05 -3.61 4.15
C GLN A 25 5.96 -2.46 3.15
N LYS A 26 5.02 -2.60 2.25
CA LYS A 26 4.81 -1.55 1.20
C LYS A 26 3.42 -1.66 0.57
N CYS A 27 2.68 -0.58 0.55
CA CYS A 27 1.33 -0.59 -0.06
C CYS A 27 1.43 -0.68 -1.58
N ILE A 28 0.44 -1.32 -2.14
CA ILE A 28 0.32 -1.52 -3.62
C ILE A 28 -1.15 -1.25 -3.92
N GLY A 29 -1.59 -1.56 -5.11
CA GLY A 29 -3.00 -1.32 -5.49
C GLY A 29 -3.83 -2.61 -5.47
N ALA A 30 -5.01 -2.48 -4.93
CA ALA A 30 -5.97 -3.63 -4.83
C ALA A 30 -6.62 -3.78 -6.20
N HIS A 31 -6.97 -2.65 -6.75
CA HIS A 31 -7.63 -2.60 -8.10
C HIS A 31 -6.55 -2.51 -9.19
N ASP A 33 -4.39 -5.32 -10.78
CA ASP A 33 -4.11 -6.76 -10.99
C ASP A 33 -3.24 -6.90 -12.25
N VAL A 34 -2.22 -6.09 -12.30
CA VAL A 34 -1.27 -6.08 -13.46
C VAL A 34 0.02 -6.82 -13.05
N ALA A 1 -3.89 11.63 5.90
CA ALA A 1 -2.45 11.71 5.52
C ALA A 1 -1.93 10.28 5.22
N CYS A 2 -2.70 9.61 4.39
CA CYS A 2 -2.41 8.21 3.93
C CYS A 2 -1.02 7.99 3.31
N SER A 3 -0.77 6.76 2.95
CA SER A 3 0.53 6.34 2.31
C SER A 3 0.26 6.05 0.84
N GLY A 4 1.22 6.37 0.01
CA GLY A 4 1.06 6.12 -1.46
C GLY A 4 1.70 4.78 -1.81
N ARG A 5 1.56 4.38 -3.06
CA ARG A 5 2.15 3.08 -3.51
C ARG A 5 3.68 3.21 -3.47
N GLY A 6 4.21 2.75 -2.37
CA GLY A 6 5.69 2.78 -2.14
C GLY A 6 5.98 2.93 -0.63
N SER A 7 4.95 3.17 0.13
CA SER A 7 5.07 3.34 1.61
C SER A 7 4.09 2.36 2.26
N ARG A 8 4.53 1.74 3.33
CA ARG A 8 3.67 0.75 4.05
C ARG A 8 2.58 1.47 4.87
N CYS A 9 1.92 0.72 5.71
CA CYS A 9 0.84 1.27 6.56
C CYS A 9 1.08 1.00 8.07
N GLN A 12 -2.39 4.64 6.90
CA GLN A 12 -3.23 3.70 6.10
C GLN A 12 -3.08 4.02 4.61
N CYS A 13 -2.82 3.00 3.82
CA CYS A 13 -2.65 3.26 2.36
C CYS A 13 -3.89 3.96 1.80
N CYS A 14 -3.59 4.92 0.96
CA CYS A 14 -4.65 5.74 0.29
C CYS A 14 -5.68 4.88 -0.45
N MET A 15 -6.76 5.50 -0.81
CA MET A 15 -7.86 4.79 -1.55
C MET A 15 -7.31 4.10 -2.81
N GLY A 16 -7.66 2.84 -2.93
CA GLY A 16 -7.22 2.01 -4.08
C GLY A 16 -6.09 1.09 -3.65
N LEU A 17 -5.30 1.54 -2.72
CA LEU A 17 -4.16 0.72 -2.21
C LEU A 17 -4.58 -0.27 -1.12
N ARG A 18 -3.69 -1.19 -0.90
CA ARG A 18 -3.84 -2.27 0.12
C ARG A 18 -2.48 -2.40 0.81
N CYS A 19 -2.53 -2.58 2.09
CA CYS A 19 -1.29 -2.73 2.92
C CYS A 19 -0.57 -4.08 2.72
N GLY A 20 0.45 -4.07 1.92
CA GLY A 20 1.22 -5.33 1.65
C GLY A 20 2.25 -5.54 2.78
N ARG A 21 1.78 -6.15 3.84
CA ARG A 21 2.64 -6.44 5.03
C ARG A 21 3.84 -7.31 4.66
N GLY A 22 3.71 -8.05 3.58
CA GLY A 22 4.81 -8.95 3.12
C GLY A 22 6.05 -8.10 2.79
N ASN A 23 7.20 -8.70 2.88
CA ASN A 23 8.46 -7.95 2.58
C ASN A 23 8.67 -7.85 1.05
N PRO A 24 9.04 -6.69 0.55
CA PRO A 24 9.25 -5.43 1.33
C PRO A 24 7.91 -4.85 1.83
N GLN A 25 7.86 -4.55 3.10
CA GLN A 25 6.63 -3.97 3.73
C GLN A 25 6.28 -2.66 2.99
N LYS A 26 5.26 -2.74 2.17
CA LYS A 26 4.82 -1.56 1.39
C LYS A 26 3.38 -1.71 0.86
N CYS A 27 2.74 -0.58 0.63
CA CYS A 27 1.35 -0.63 0.10
C CYS A 27 1.44 -0.84 -1.42
N ILE A 28 0.50 -1.58 -1.91
CA ILE A 28 0.40 -1.90 -3.37
C ILE A 28 -1.02 -1.50 -3.76
N GLY A 29 -1.46 -1.90 -4.92
CA GLY A 29 -2.83 -1.55 -5.39
C GLY A 29 -3.76 -2.76 -5.52
N ALA A 30 -4.93 -2.62 -4.96
CA ALA A 30 -5.97 -3.69 -5.02
C ALA A 30 -6.60 -3.61 -6.41
N HIS A 31 -6.92 -2.38 -6.74
CA HIS A 31 -7.56 -2.05 -8.05
C HIS A 31 -6.38 -1.71 -8.99
N ASP A 33 -3.11 -4.39 -10.94
CA ASP A 33 -2.84 -5.61 -11.77
C ASP A 33 -1.63 -6.35 -11.19
N VAL A 34 -1.72 -6.62 -9.91
CA VAL A 34 -0.62 -7.34 -9.20
C VAL A 34 -0.76 -8.84 -9.49
N ALA A 1 -4.04 11.24 7.37
CA ALA A 1 -3.16 11.07 6.19
C ALA A 1 -3.03 9.58 5.83
N CYS A 2 -2.76 9.34 4.57
CA CYS A 2 -2.60 7.95 4.05
C CYS A 2 -1.19 7.75 3.46
N SER A 3 -0.92 6.53 3.06
CA SER A 3 0.41 6.16 2.46
C SER A 3 0.22 5.95 0.95
N GLY A 4 1.27 6.15 0.20
CA GLY A 4 1.20 5.99 -1.29
C GLY A 4 1.74 4.63 -1.72
N ARG A 5 1.69 4.39 -2.99
CA ARG A 5 2.18 3.10 -3.56
C ARG A 5 3.72 3.12 -3.61
N GLY A 6 4.28 2.89 -2.46
CA GLY A 6 5.76 2.87 -2.28
C GLY A 6 6.11 2.90 -0.78
N SER A 7 5.08 2.94 0.03
CA SER A 7 5.26 2.97 1.53
C SER A 7 4.13 2.17 2.18
N ARG A 8 4.48 1.47 3.23
CA ARG A 8 3.52 0.63 4.00
C ARG A 8 2.51 1.45 4.80
N CYS A 9 1.82 0.75 5.66
CA CYS A 9 0.79 1.35 6.54
C CYS A 9 1.14 1.08 8.03
N GLN A 12 -2.52 4.60 6.87
CA GLN A 12 -3.37 3.66 6.06
C GLN A 12 -3.20 3.97 4.58
N CYS A 13 -2.93 2.98 3.77
CA CYS A 13 -2.75 3.26 2.31
C CYS A 13 -3.97 3.99 1.74
N CYS A 14 -3.66 4.95 0.92
CA CYS A 14 -4.70 5.79 0.26
C CYS A 14 -5.70 4.95 -0.55
N MET A 15 -6.75 5.61 -0.99
CA MET A 15 -7.80 4.93 -1.78
C MET A 15 -7.21 4.19 -3.00
N GLY A 16 -7.62 2.96 -3.14
CA GLY A 16 -7.15 2.10 -4.25
C GLY A 16 -6.04 1.15 -3.75
N LEU A 17 -5.30 1.59 -2.77
CA LEU A 17 -4.20 0.75 -2.22
C LEU A 17 -4.63 -0.15 -1.06
N ARG A 18 -3.74 -1.06 -0.80
CA ARG A 18 -3.87 -2.08 0.28
C ARG A 18 -2.47 -2.22 0.89
N CYS A 19 -2.45 -2.54 2.15
CA CYS A 19 -1.16 -2.72 2.89
C CYS A 19 -0.46 -4.04 2.56
N GLY A 20 0.49 -3.98 1.65
CA GLY A 20 1.25 -5.21 1.24
C GLY A 20 2.21 -5.63 2.35
N ARG A 21 1.72 -6.49 3.21
CA ARG A 21 2.51 -7.02 4.37
C ARG A 21 3.79 -7.74 3.93
N GLY A 22 3.84 -8.16 2.70
CA GLY A 22 5.04 -8.88 2.18
C GLY A 22 6.27 -7.97 2.29
N ASN A 23 7.38 -8.56 2.67
CA ASN A 23 8.65 -7.78 2.82
C ASN A 23 9.32 -7.53 1.45
N PRO A 24 9.80 -6.33 1.19
CA PRO A 24 9.74 -5.16 2.11
C PRO A 24 8.30 -4.66 2.26
N GLN A 25 7.87 -4.52 3.49
CA GLN A 25 6.49 -4.03 3.80
C GLN A 25 6.24 -2.71 3.08
N LYS A 26 5.24 -2.72 2.23
CA LYS A 26 4.87 -1.51 1.44
C LYS A 26 3.44 -1.64 0.91
N CYS A 27 2.77 -0.53 0.71
CA CYS A 27 1.39 -0.59 0.19
C CYS A 27 1.48 -0.74 -1.33
N ILE A 28 0.51 -1.43 -1.87
CA ILE A 28 0.44 -1.68 -3.32
C ILE A 28 -1.00 -1.39 -3.71
N GLY A 29 -1.33 -1.62 -4.95
CA GLY A 29 -2.72 -1.36 -5.41
C GLY A 29 -3.55 -2.64 -5.42
N ALA A 30 -4.74 -2.52 -4.88
CA ALA A 30 -5.70 -3.66 -4.79
C ALA A 30 -6.42 -3.75 -6.13
N HIS A 31 -6.86 -2.59 -6.57
CA HIS A 31 -7.59 -2.45 -7.85
C HIS A 31 -6.73 -1.58 -8.78
N ASP A 33 -3.42 -2.54 -11.79
CA ASP A 33 -3.18 -3.29 -13.06
C ASP A 33 -1.75 -3.85 -13.03
N VAL A 34 -1.33 -4.22 -11.85
CA VAL A 34 0.04 -4.77 -11.66
C VAL A 34 -0.02 -6.31 -11.76
N ALA A 1 -3.12 11.98 6.32
CA ALA A 1 -2.10 11.78 5.25
C ALA A 1 -1.80 10.27 5.11
N CYS A 2 -2.52 9.65 4.23
CA CYS A 2 -2.38 8.18 3.96
C CYS A 2 -1.02 7.88 3.30
N SER A 3 -0.82 6.64 2.94
CA SER A 3 0.44 6.18 2.30
C SER A 3 0.20 5.96 0.80
N GLY A 4 1.22 6.16 0.00
CA GLY A 4 1.11 5.98 -1.48
C GLY A 4 1.79 4.68 -1.89
N ARG A 5 1.69 4.34 -3.15
CA ARG A 5 2.33 3.07 -3.64
C ARG A 5 3.84 3.17 -3.44
N GLY A 6 4.29 2.44 -2.46
CA GLY A 6 5.75 2.40 -2.11
C GLY A 6 5.99 2.66 -0.61
N SER A 7 4.95 3.09 0.08
CA SER A 7 5.05 3.38 1.55
C SER A 7 4.22 2.33 2.28
N ARG A 8 4.71 1.89 3.41
CA ARG A 8 3.99 0.86 4.21
C ARG A 8 2.80 1.47 4.97
N CYS A 9 2.22 0.68 5.83
CA CYS A 9 1.05 1.12 6.63
C CYS A 9 1.24 0.88 8.14
N GLN A 12 -2.25 4.47 6.97
CA GLN A 12 -3.10 3.54 6.16
C GLN A 12 -3.04 3.94 4.68
N CYS A 13 -2.77 2.98 3.84
CA CYS A 13 -2.68 3.28 2.38
C CYS A 13 -3.94 4.00 1.87
N CYS A 14 -3.67 4.95 1.01
CA CYS A 14 -4.74 5.79 0.39
C CYS A 14 -5.80 4.97 -0.35
N MET A 15 -6.82 5.68 -0.79
CA MET A 15 -7.94 5.04 -1.54
C MET A 15 -7.41 4.28 -2.76
N GLY A 16 -7.80 3.05 -2.85
CA GLY A 16 -7.39 2.17 -3.97
C GLY A 16 -6.23 1.27 -3.55
N LEU A 17 -5.45 1.73 -2.61
CA LEU A 17 -4.29 0.93 -2.13
C LEU A 17 -4.66 -0.02 -0.97
N ARG A 18 -3.77 -0.94 -0.77
CA ARG A 18 -3.88 -1.98 0.28
C ARG A 18 -2.46 -2.23 0.81
N CYS A 19 -2.39 -2.59 2.05
CA CYS A 19 -1.08 -2.86 2.72
C CYS A 19 -0.43 -4.19 2.33
N GLY A 20 0.57 -4.13 1.48
CA GLY A 20 1.28 -5.37 1.03
C GLY A 20 2.30 -5.77 2.09
N ARG A 21 2.16 -6.97 2.60
CA ARG A 21 3.09 -7.49 3.64
C ARG A 21 4.56 -7.49 3.18
N GLY A 22 5.44 -7.48 4.14
CA GLY A 22 6.91 -7.49 3.87
C GLY A 22 7.65 -6.86 5.06
N ASN A 23 8.89 -6.48 4.83
CA ASN A 23 9.69 -5.86 5.93
C ASN A 23 10.88 -5.06 5.33
N PRO A 24 10.79 -3.74 5.28
CA PRO A 24 9.58 -2.96 5.61
C PRO A 24 8.46 -3.22 4.60
N GLN A 25 7.26 -3.29 5.10
CA GLN A 25 6.06 -3.55 4.24
C GLN A 25 5.93 -2.46 3.15
N LYS A 26 4.98 -2.61 2.28
CA LYS A 26 4.77 -1.61 1.18
C LYS A 26 3.36 -1.69 0.58
N CYS A 27 2.67 -0.57 0.55
CA CYS A 27 1.31 -0.56 -0.03
C CYS A 27 1.39 -0.66 -1.54
N ILE A 28 0.40 -1.35 -2.07
CA ILE A 28 0.28 -1.57 -3.52
C ILE A 28 -1.19 -1.27 -3.81
N GLY A 29 -1.64 -1.58 -5.00
CA GLY A 29 -3.06 -1.30 -5.34
C GLY A 29 -3.89 -2.58 -5.37
N ALA A 30 -5.11 -2.45 -4.90
CA ALA A 30 -6.05 -3.61 -4.86
C ALA A 30 -6.52 -3.84 -6.31
N HIS A 31 -6.78 -2.73 -6.96
CA HIS A 31 -7.25 -2.74 -8.38
C HIS A 31 -6.03 -2.45 -9.28
N ASP A 33 -3.49 -4.71 -10.84
CA ASP A 33 -3.16 -6.08 -11.29
C ASP A 33 -2.20 -5.95 -12.49
N VAL A 34 -1.17 -5.17 -12.29
CA VAL A 34 -0.16 -4.93 -13.37
C VAL A 34 1.28 -5.12 -12.85
N ALA A 1 -4.51 11.57 6.07
CA ALA A 1 -3.09 11.13 6.04
C ALA A 1 -3.02 9.64 5.72
N CYS A 2 -2.68 9.36 4.48
CA CYS A 2 -2.56 7.95 4.00
C CYS A 2 -1.16 7.73 3.40
N SER A 3 -0.93 6.50 3.00
CA SER A 3 0.39 6.11 2.40
C SER A 3 0.19 5.91 0.90
N GLY A 4 1.20 6.26 0.13
CA GLY A 4 1.11 6.10 -1.36
C GLY A 4 1.75 4.78 -1.77
N ARG A 5 1.62 4.45 -3.04
CA ARG A 5 2.21 3.16 -3.53
C ARG A 5 3.75 3.31 -3.51
N GLY A 6 4.29 2.90 -2.39
CA GLY A 6 5.77 2.96 -2.18
C GLY A 6 6.09 2.99 -0.67
N SER A 7 5.05 3.10 0.13
CA SER A 7 5.21 3.13 1.62
C SER A 7 4.15 2.21 2.23
N ARG A 8 4.51 1.52 3.29
CA ARG A 8 3.55 0.58 3.97
C ARG A 8 2.57 1.36 4.85
N CYS A 9 1.83 0.62 5.65
CA CYS A 9 0.82 1.22 6.56
C CYS A 9 1.20 1.03 8.04
N GLN A 12 -2.48 4.54 6.92
CA GLN A 12 -3.33 3.61 6.10
C GLN A 12 -3.24 3.98 4.62
N CYS A 13 -2.87 3.03 3.79
CA CYS A 13 -2.74 3.33 2.33
C CYS A 13 -3.98 4.03 1.78
N CYS A 14 -3.68 4.97 0.91
CA CYS A 14 -4.72 5.80 0.24
C CYS A 14 -5.74 4.97 -0.55
N MET A 15 -6.78 5.64 -0.99
CA MET A 15 -7.85 4.98 -1.77
C MET A 15 -7.27 4.28 -2.99
N GLY A 16 -7.61 3.02 -3.10
CA GLY A 16 -7.13 2.18 -4.23
C GLY A 16 -6.04 1.23 -3.76
N LEU A 17 -5.30 1.61 -2.75
CA LEU A 17 -4.20 0.75 -2.22
C LEU A 17 -4.64 -0.14 -1.05
N ARG A 18 -3.76 -1.06 -0.77
CA ARG A 18 -3.90 -2.06 0.31
C ARG A 18 -2.51 -2.23 0.93
N CYS A 19 -2.51 -2.51 2.20
CA CYS A 19 -1.23 -2.70 2.96
C CYS A 19 -0.51 -4.03 2.64
N GLY A 20 0.45 -3.96 1.75
CA GLY A 20 1.22 -5.19 1.38
C GLY A 20 2.27 -5.42 2.47
N ARG A 21 1.83 -5.99 3.56
CA ARG A 21 2.71 -6.29 4.72
C ARG A 21 3.68 -7.47 4.49
N GLY A 22 3.93 -7.79 3.25
CA GLY A 22 4.85 -8.92 2.90
C GLY A 22 6.31 -8.49 3.10
N ASN A 23 7.06 -8.51 2.03
CA ASN A 23 8.50 -8.11 2.09
C ASN A 23 8.98 -7.75 0.66
N PRO A 24 9.46 -6.54 0.44
CA PRO A 24 9.51 -5.44 1.46
C PRO A 24 8.10 -4.97 1.83
N GLN A 25 7.92 -4.66 3.09
CA GLN A 25 6.59 -4.18 3.57
C GLN A 25 6.30 -2.83 2.90
N LYS A 26 5.28 -2.83 2.09
CA LYS A 26 4.86 -1.58 1.36
C LYS A 26 3.41 -1.70 0.86
N CYS A 27 2.76 -0.57 0.67
CA CYS A 27 1.36 -0.61 0.18
C CYS A 27 1.44 -0.80 -1.34
N ILE A 28 0.47 -1.51 -1.85
CA ILE A 28 0.39 -1.79 -3.31
C ILE A 28 -1.06 -1.49 -3.68
N GLY A 29 -1.41 -1.77 -4.91
CA GLY A 29 -2.80 -1.48 -5.34
C GLY A 29 -3.70 -2.72 -5.28
N ALA A 30 -4.91 -2.48 -4.83
CA ALA A 30 -5.94 -3.55 -4.70
C ALA A 30 -6.59 -3.61 -6.08
N HIS A 31 -6.83 -2.43 -6.60
CA HIS A 31 -7.44 -2.24 -7.94
C HIS A 31 -6.24 -2.13 -8.88
N ASP A 33 -4.36 -5.16 -11.12
CA ASP A 33 -4.19 -6.58 -11.55
C ASP A 33 -3.46 -6.57 -12.91
N VAL A 34 -2.37 -5.83 -12.94
CA VAL A 34 -1.55 -5.71 -14.18
C VAL A 34 -0.06 -5.98 -13.89
N ALA A 1 -2.28 11.64 7.32
CA ALA A 1 -1.97 11.54 5.87
C ALA A 1 -1.60 10.09 5.53
N CYS A 2 -2.42 9.49 4.70
CA CYS A 2 -2.24 8.06 4.25
C CYS A 2 -0.88 7.80 3.56
N SER A 3 -0.72 6.58 3.13
CA SER A 3 0.53 6.12 2.43
C SER A 3 0.25 5.99 0.92
N GLY A 4 1.27 6.15 0.12
CA GLY A 4 1.11 6.04 -1.37
C GLY A 4 1.63 4.68 -1.84
N ARG A 5 1.47 4.40 -3.11
CA ARG A 5 1.95 3.09 -3.66
C ARG A 5 3.49 3.06 -3.64
N GLY A 6 4.01 2.53 -2.56
CA GLY A 6 5.48 2.40 -2.36
C GLY A 6 5.83 2.80 -0.92
N SER A 7 4.85 3.33 -0.23
CA SER A 7 5.02 3.77 1.19
C SER A 7 4.54 2.60 2.05
N ARG A 8 4.98 2.54 3.28
CA ARG A 8 4.55 1.43 4.19
C ARG A 8 3.13 1.67 4.68
N CYS A 9 2.79 0.98 5.73
CA CYS A 9 1.43 1.10 6.34
C CYS A 9 1.44 0.61 7.81
N GLN A 12 -2.17 4.30 7.07
CA GLN A 12 -3.05 3.42 6.25
C GLN A 12 -3.00 3.88 4.79
N CYS A 13 -2.75 2.96 3.90
CA CYS A 13 -2.67 3.33 2.46
C CYS A 13 -3.91 4.09 1.99
N CYS A 14 -3.65 5.06 1.15
CA CYS A 14 -4.71 5.93 0.57
C CYS A 14 -5.77 5.12 -0.19
N MET A 15 -6.84 5.79 -0.53
CA MET A 15 -7.95 5.13 -1.27
C MET A 15 -7.43 4.51 -2.58
N GLY A 16 -7.79 3.27 -2.79
CA GLY A 16 -7.37 2.52 -4.01
C GLY A 16 -6.24 1.54 -3.66
N LEU A 17 -5.48 1.87 -2.64
CA LEU A 17 -4.35 0.99 -2.21
C LEU A 17 -4.79 0.01 -1.11
N ARG A 18 -3.92 -0.94 -0.90
CA ARG A 18 -4.10 -2.01 0.11
C ARG A 18 -2.70 -2.22 0.70
N CYS A 19 -2.67 -2.51 1.96
CA CYS A 19 -1.36 -2.72 2.66
C CYS A 19 -0.71 -4.10 2.42
N GLY A 20 0.34 -4.09 1.64
CA GLY A 20 1.07 -5.34 1.32
C GLY A 20 2.04 -5.57 2.48
N ARG A 21 1.66 -6.45 3.38
CA ARG A 21 2.51 -6.75 4.56
C ARG A 21 3.87 -7.35 4.17
N GLY A 22 4.81 -7.13 5.04
CA GLY A 22 6.20 -7.63 4.83
C GLY A 22 7.15 -6.83 5.74
N ASN A 23 8.35 -6.64 5.27
CA ASN A 23 9.36 -5.86 6.07
C ASN A 23 10.48 -5.35 5.14
N PRO A 24 10.57 -4.06 4.91
CA PRO A 24 9.56 -3.05 5.33
C PRO A 24 8.22 -3.24 4.58
N GLN A 25 7.13 -3.07 5.29
CA GLN A 25 5.77 -3.22 4.66
C GLN A 25 5.63 -2.20 3.53
N LYS A 26 4.82 -2.52 2.54
CA LYS A 26 4.62 -1.59 1.39
C LYS A 26 3.23 -1.73 0.75
N CYS A 27 2.56 -0.61 0.63
CA CYS A 27 1.20 -0.58 0.04
C CYS A 27 1.29 -0.77 -1.49
N ILE A 28 0.29 -1.44 -1.98
CA ILE A 28 0.16 -1.75 -3.43
C ILE A 28 -1.26 -1.30 -3.80
N GLY A 29 -1.71 -1.67 -4.97
CA GLY A 29 -3.07 -1.26 -5.41
C GLY A 29 -4.03 -2.45 -5.45
N ALA A 30 -5.26 -2.16 -5.11
CA ALA A 30 -6.33 -3.21 -5.10
C ALA A 30 -6.56 -3.74 -6.52
N HIS A 31 -6.28 -2.89 -7.48
CA HIS A 31 -6.44 -3.26 -8.93
C HIS A 31 -5.10 -3.80 -9.45
N ASP A 33 -3.03 -7.15 -7.77
CA ASP A 33 -2.71 -8.12 -6.68
C ASP A 33 -1.48 -8.91 -7.15
N VAL A 34 -0.52 -8.11 -7.53
CA VAL A 34 0.80 -8.62 -8.02
C VAL A 34 1.93 -7.79 -7.37
N ALA A 1 -1.69 12.25 6.73
CA ALA A 1 -2.18 11.80 5.40
C ALA A 1 -1.81 10.32 5.18
N CYS A 2 -2.60 9.67 4.36
CA CYS A 2 -2.42 8.23 4.01
C CYS A 2 -1.04 7.94 3.38
N SER A 3 -0.82 6.68 3.06
CA SER A 3 0.47 6.24 2.44
C SER A 3 0.24 6.02 0.95
N GLY A 4 1.27 6.19 0.16
CA GLY A 4 1.17 6.00 -1.32
C GLY A 4 1.79 4.66 -1.71
N ARG A 5 1.60 4.30 -2.96
CA ARG A 5 2.16 3.01 -3.46
C ARG A 5 3.70 3.09 -3.48
N GLY A 6 4.27 2.61 -2.41
CA GLY A 6 5.75 2.60 -2.24
C GLY A 6 6.09 2.78 -0.75
N SER A 7 5.08 3.12 0.03
CA SER A 7 5.24 3.34 1.50
C SER A 7 4.33 2.33 2.19
N ARG A 8 4.76 1.86 3.33
CA ARG A 8 3.95 0.86 4.12
C ARG A 8 2.80 1.56 4.85
N CYS A 9 2.19 0.82 5.75
CA CYS A 9 1.05 1.34 6.55
C CYS A 9 1.19 1.01 8.06
N GLN A 12 -2.39 4.52 6.96
CA GLN A 12 -3.19 3.57 6.14
C GLN A 12 -3.10 3.97 4.67
N CYS A 13 -2.78 3.03 3.83
CA CYS A 13 -2.65 3.34 2.38
C CYS A 13 -3.93 4.02 1.85
N CYS A 14 -3.67 5.00 1.03
CA CYS A 14 -4.75 5.82 0.40
C CYS A 14 -5.79 4.95 -0.34
N MET A 15 -6.90 5.56 -0.66
CA MET A 15 -7.99 4.84 -1.38
C MET A 15 -7.46 4.24 -2.70
N GLY A 16 -7.68 2.96 -2.84
CA GLY A 16 -7.23 2.22 -4.04
C GLY A 16 -6.10 1.26 -3.67
N LEU A 17 -5.33 1.64 -2.68
CA LEU A 17 -4.19 0.81 -2.22
C LEU A 17 -4.60 -0.21 -1.13
N ARG A 18 -3.68 -1.11 -0.90
CA ARG A 18 -3.81 -2.20 0.10
C ARG A 18 -2.43 -2.35 0.75
N CYS A 19 -2.45 -2.54 2.03
CA CYS A 19 -1.18 -2.70 2.82
C CYS A 19 -0.51 -4.07 2.57
N GLY A 20 0.48 -4.08 1.70
CA GLY A 20 1.19 -5.35 1.40
C GLY A 20 2.24 -5.62 2.48
N ARG A 21 1.88 -6.47 3.41
CA ARG A 21 2.82 -6.80 4.53
C ARG A 21 4.02 -7.58 3.95
N GLY A 22 5.17 -6.97 4.05
CA GLY A 22 6.42 -7.60 3.53
C GLY A 22 7.60 -7.25 4.45
N ASN A 23 8.73 -7.02 3.84
CA ASN A 23 9.95 -6.67 4.62
C ASN A 23 11.00 -5.99 3.71
N PRO A 24 11.07 -4.68 3.70
CA PRO A 24 10.15 -3.75 4.42
C PRO A 24 8.77 -3.72 3.75
N GLN A 25 7.74 -3.80 4.56
CA GLN A 25 6.33 -3.78 4.02
C GLN A 25 6.11 -2.59 3.09
N LYS A 26 5.12 -2.70 2.23
CA LYS A 26 4.82 -1.61 1.25
C LYS A 26 3.39 -1.72 0.69
N CYS A 27 2.73 -0.60 0.54
CA CYS A 27 1.36 -0.60 -0.01
C CYS A 27 1.42 -0.80 -1.53
N ILE A 28 0.45 -1.53 -2.01
CA ILE A 28 0.33 -1.86 -3.47
C ILE A 28 -1.10 -1.43 -3.83
N GLY A 29 -1.56 -1.82 -4.99
CA GLY A 29 -2.93 -1.45 -5.43
C GLY A 29 -3.87 -2.65 -5.50
N ALA A 30 -5.08 -2.44 -5.02
CA ALA A 30 -6.13 -3.51 -5.00
C ALA A 30 -6.73 -3.61 -6.40
N HIS A 31 -6.90 -2.47 -7.01
CA HIS A 31 -7.46 -2.38 -8.39
C HIS A 31 -6.31 -2.53 -9.40
N ASP A 33 -4.76 -6.12 -10.89
CA ASP A 33 -4.60 -7.60 -10.95
C ASP A 33 -3.58 -7.88 -12.07
N VAL A 34 -2.62 -7.00 -12.15
CA VAL A 34 -1.53 -7.08 -13.17
C VAL A 34 -0.23 -7.51 -12.49
N ALA A 1 -4.17 11.32 6.95
CA ALA A 1 -2.91 11.05 6.20
C ALA A 1 -2.84 9.56 5.84
N CYS A 2 -2.57 9.31 4.59
CA CYS A 2 -2.46 7.92 4.06
C CYS A 2 -1.07 7.69 3.45
N SER A 3 -0.85 6.47 3.02
CA SER A 3 0.46 6.08 2.39
C SER A 3 0.24 5.89 0.89
N GLY A 4 1.23 6.26 0.13
CA GLY A 4 1.14 6.11 -1.37
C GLY A 4 1.69 4.75 -1.77
N ARG A 5 1.63 4.47 -3.05
CA ARG A 5 2.13 3.16 -3.56
C ARG A 5 3.67 3.17 -3.57
N GLY A 6 4.21 2.86 -2.42
CA GLY A 6 5.69 2.82 -2.22
C GLY A 6 6.04 2.92 -0.73
N SER A 7 5.03 3.04 0.09
CA SER A 7 5.23 3.13 1.57
C SER A 7 4.18 2.23 2.23
N ARG A 8 4.49 1.70 3.38
CA ARG A 8 3.54 0.81 4.10
C ARG A 8 2.53 1.56 4.97
N CYS A 9 1.80 0.77 5.74
CA CYS A 9 0.76 1.30 6.65
C CYS A 9 1.18 1.09 8.12
N GLN A 12 -2.34 4.54 6.93
CA GLN A 12 -3.21 3.61 6.13
C GLN A 12 -3.15 3.97 4.65
N CYS A 13 -2.78 3.01 3.82
CA CYS A 13 -2.69 3.30 2.36
C CYS A 13 -3.93 4.03 1.82
N CYS A 14 -3.64 4.97 0.96
CA CYS A 14 -4.69 5.81 0.32
C CYS A 14 -5.73 5.00 -0.47
N MET A 15 -6.75 5.70 -0.91
CA MET A 15 -7.85 5.06 -1.69
C MET A 15 -7.29 4.30 -2.90
N GLY A 16 -7.69 3.06 -2.99
CA GLY A 16 -7.26 2.17 -4.09
C GLY A 16 -6.14 1.23 -3.65
N LEU A 17 -5.39 1.63 -2.64
CA LEU A 17 -4.26 0.77 -2.16
C LEU A 17 -4.67 -0.15 -1.00
N ARG A 18 -3.77 -1.07 -0.78
CA ARG A 18 -3.87 -2.11 0.27
C ARG A 18 -2.45 -2.29 0.82
N CYS A 19 -2.39 -2.55 2.09
CA CYS A 19 -1.07 -2.74 2.79
C CYS A 19 -0.41 -4.09 2.45
N GLY A 20 0.47 -4.07 1.47
CA GLY A 20 1.18 -5.32 1.06
C GLY A 20 2.22 -5.68 2.13
N ARG A 21 1.86 -6.62 2.98
CA ARG A 21 2.79 -7.05 4.06
C ARG A 21 4.09 -7.61 3.48
N GLY A 22 5.15 -7.44 4.22
CA GLY A 22 6.50 -7.93 3.80
C GLY A 22 7.57 -7.36 4.73
N ASN A 23 8.77 -7.28 4.23
CA ASN A 23 9.91 -6.75 5.04
C ASN A 23 11.01 -6.18 4.12
N PRO A 24 11.12 -4.86 4.02
CA PRO A 24 10.18 -3.87 4.60
C PRO A 24 8.84 -3.88 3.83
N GLN A 25 7.75 -4.03 4.56
CA GLN A 25 6.39 -4.05 3.92
C GLN A 25 6.14 -2.76 3.12
N LYS A 26 5.16 -2.80 2.25
CA LYS A 26 4.82 -1.60 1.40
C LYS A 26 3.40 -1.74 0.83
N CYS A 27 2.73 -0.62 0.65
CA CYS A 27 1.35 -0.65 0.09
C CYS A 27 1.43 -0.76 -1.44
N ILE A 28 0.46 -1.44 -1.98
CA ILE A 28 0.35 -1.64 -3.45
C ILE A 28 -1.11 -1.36 -3.77
N GLY A 29 -1.48 -1.54 -5.00
CA GLY A 29 -2.89 -1.27 -5.39
C GLY A 29 -3.71 -2.56 -5.38
N ALA A 30 -4.92 -2.43 -4.91
CA ALA A 30 -5.87 -3.58 -4.83
C ALA A 30 -6.49 -3.73 -6.22
N HIS A 31 -6.85 -2.59 -6.76
CA HIS A 31 -7.48 -2.51 -8.12
C HIS A 31 -6.35 -2.27 -9.15
N ASP A 33 -2.88 -4.75 -10.66
CA ASP A 33 -2.63 -5.98 -11.46
C ASP A 33 -1.85 -7.01 -10.62
N VAL A 34 -2.10 -6.93 -9.34
CA VAL A 34 -1.43 -7.85 -8.36
C VAL A 34 -2.24 -9.16 -8.27
N ALA A 1 -3.05 11.21 7.79
CA ALA A 1 -3.16 11.07 6.31
C ALA A 1 -2.94 9.61 5.91
N CYS A 2 -2.79 9.38 4.62
CA CYS A 2 -2.56 8.02 4.08
C CYS A 2 -1.17 7.91 3.45
N SER A 3 -0.87 6.73 2.96
CA SER A 3 0.45 6.45 2.32
C SER A 3 0.23 6.10 0.84
N GLY A 4 1.19 6.45 0.02
CA GLY A 4 1.10 6.18 -1.46
C GLY A 4 1.75 4.83 -1.81
N ARG A 5 1.61 4.46 -3.06
CA ARG A 5 2.18 3.16 -3.54
C ARG A 5 3.73 3.21 -3.52
N GLY A 6 4.25 2.88 -2.37
CA GLY A 6 5.72 2.85 -2.14
C GLY A 6 6.02 2.89 -0.64
N SER A 7 4.99 3.08 0.15
CA SER A 7 5.14 3.14 1.64
C SER A 7 4.05 2.26 2.26
N ARG A 8 4.41 1.55 3.30
CA ARG A 8 3.45 0.65 4.00
C ARG A 8 2.45 1.42 4.88
N CYS A 9 1.78 0.67 5.72
CA CYS A 9 0.78 1.25 6.65
C CYS A 9 1.19 1.02 8.12
N GLN A 12 -2.39 4.62 6.91
CA GLN A 12 -3.26 3.67 6.12
C GLN A 12 -3.12 3.99 4.64
N CYS A 13 -2.82 3.02 3.82
CA CYS A 13 -2.68 3.31 2.36
C CYS A 13 -3.91 4.04 1.81
N CYS A 14 -3.63 4.98 0.96
CA CYS A 14 -4.67 5.82 0.31
C CYS A 14 -5.70 5.00 -0.47
N MET A 15 -6.75 5.66 -0.88
CA MET A 15 -7.83 4.99 -1.66
C MET A 15 -7.26 4.28 -2.89
N GLY A 16 -7.64 3.03 -3.01
CA GLY A 16 -7.19 2.18 -4.14
C GLY A 16 -6.08 1.23 -3.69
N LEU A 17 -5.33 1.64 -2.69
CA LEU A 17 -4.22 0.79 -2.18
C LEU A 17 -4.63 -0.11 -1.00
N ARG A 18 -3.75 -1.05 -0.77
CA ARG A 18 -3.87 -2.06 0.31
C ARG A 18 -2.46 -2.24 0.87
N CYS A 19 -2.42 -2.54 2.14
CA CYS A 19 -1.12 -2.74 2.85
C CYS A 19 -0.44 -4.07 2.50
N GLY A 20 0.49 -4.04 1.58
CA GLY A 20 1.22 -5.29 1.18
C GLY A 20 2.15 -5.69 2.32
N ARG A 21 1.64 -6.58 3.15
CA ARG A 21 2.40 -7.09 4.33
C ARG A 21 3.72 -7.78 3.94
N GLY A 22 3.79 -8.23 2.72
CA GLY A 22 5.03 -8.92 2.21
C GLY A 22 6.25 -8.02 2.42
N ASN A 23 7.31 -8.61 2.89
CA ASN A 23 8.57 -7.85 3.13
C ASN A 23 9.35 -7.64 1.82
N PRO A 24 9.85 -6.45 1.57
CA PRO A 24 9.72 -5.25 2.45
C PRO A 24 8.28 -4.72 2.46
N GLN A 25 7.75 -4.56 3.65
CA GLN A 25 6.35 -4.05 3.83
C GLN A 25 6.16 -2.76 3.03
N LYS A 26 5.17 -2.79 2.17
CA LYS A 26 4.85 -1.59 1.31
C LYS A 26 3.41 -1.69 0.78
N CYS A 27 2.75 -0.56 0.65
CA CYS A 27 1.36 -0.61 0.12
C CYS A 27 1.43 -0.76 -1.40
N ILE A 28 0.47 -1.46 -1.92
CA ILE A 28 0.38 -1.70 -3.39
C ILE A 28 -1.07 -1.40 -3.75
N GLY A 29 -1.44 -1.62 -4.98
CA GLY A 29 -2.84 -1.34 -5.38
C GLY A 29 -3.68 -2.62 -5.38
N ALA A 30 -4.88 -2.47 -4.88
CA ALA A 30 -5.85 -3.61 -4.80
C ALA A 30 -6.47 -3.77 -6.18
N HIS A 31 -6.84 -2.64 -6.73
CA HIS A 31 -7.47 -2.59 -8.09
C HIS A 31 -6.36 -2.36 -9.14
N ASP A 33 -4.81 -4.27 -11.49
CA ASP A 33 -4.84 -5.48 -12.37
C ASP A 33 -3.97 -5.18 -13.60
N VAL A 34 -2.85 -4.57 -13.33
CA VAL A 34 -1.86 -4.20 -14.39
C VAL A 34 -0.46 -4.00 -13.76
N ALA A 1 -1.56 12.02 6.90
CA ALA A 1 -1.99 11.72 5.51
C ALA A 1 -1.63 10.27 5.17
N CYS A 2 -2.51 9.64 4.43
CA CYS A 2 -2.33 8.22 3.99
C CYS A 2 -0.97 7.95 3.31
N SER A 3 -0.73 6.69 3.04
CA SER A 3 0.54 6.27 2.38
C SER A 3 0.28 6.03 0.90
N GLY A 4 1.26 6.30 0.08
CA GLY A 4 1.12 6.10 -1.39
C GLY A 4 1.65 4.72 -1.78
N ARG A 5 1.48 4.36 -3.02
CA ARG A 5 1.97 3.02 -3.48
C ARG A 5 3.50 3.02 -3.51
N GLY A 6 4.04 2.62 -2.40
CA GLY A 6 5.51 2.54 -2.20
C GLY A 6 5.86 2.71 -0.71
N SER A 7 4.87 3.03 0.08
CA SER A 7 5.04 3.23 1.55
C SER A 7 4.09 2.26 2.26
N ARG A 8 4.49 1.74 3.39
CA ARG A 8 3.63 0.78 4.15
C ARG A 8 2.57 1.49 5.00
N CYS A 9 1.87 0.68 5.77
CA CYS A 9 0.80 1.20 6.66
C CYS A 9 1.16 1.01 8.16
N GLN A 12 -2.24 4.59 6.93
CA GLN A 12 -3.09 3.64 6.13
C GLN A 12 -3.01 4.01 4.66
N CYS A 13 -2.74 3.03 3.84
CA CYS A 13 -2.63 3.30 2.38
C CYS A 13 -3.88 4.03 1.86
N CYS A 14 -3.60 5.02 1.05
CA CYS A 14 -4.67 5.86 0.43
C CYS A 14 -5.72 5.02 -0.32
N MET A 15 -6.81 5.66 -0.64
CA MET A 15 -7.92 4.97 -1.36
C MET A 15 -7.41 4.26 -2.63
N GLY A 16 -7.78 3.00 -2.72
CA GLY A 16 -7.37 2.16 -3.87
C GLY A 16 -6.22 1.24 -3.49
N LEU A 17 -5.42 1.64 -2.53
CA LEU A 17 -4.27 0.81 -2.09
C LEU A 17 -4.64 -0.18 -0.98
N ARG A 18 -3.76 -1.14 -0.82
CA ARG A 18 -3.88 -2.22 0.20
C ARG A 18 -2.48 -2.40 0.76
N CYS A 19 -2.41 -2.60 2.04
CA CYS A 19 -1.11 -2.79 2.75
C CYS A 19 -0.46 -4.16 2.45
N GLY A 20 0.51 -4.14 1.55
CA GLY A 20 1.21 -5.41 1.19
C GLY A 20 2.33 -5.70 2.20
N ARG A 21 2.20 -6.81 2.89
CA ARG A 21 3.22 -7.19 3.90
C ARG A 21 4.60 -7.43 3.26
N GLY A 22 5.59 -7.54 4.11
CA GLY A 22 7.00 -7.77 3.66
C GLY A 22 7.95 -7.14 4.68
N ASN A 23 9.13 -6.83 4.22
CA ASN A 23 10.14 -6.19 5.12
C ASN A 23 11.23 -5.50 4.27
N PRO A 24 11.21 -4.18 4.19
CA PRO A 24 10.14 -3.30 4.78
C PRO A 24 8.81 -3.49 4.03
N GLN A 25 7.72 -3.48 4.76
CA GLN A 25 6.36 -3.65 4.15
C GLN A 25 6.13 -2.51 3.12
N LYS A 26 5.13 -2.67 2.28
CA LYS A 26 4.83 -1.62 1.26
C LYS A 26 3.40 -1.76 0.69
N CYS A 27 2.69 -0.66 0.56
CA CYS A 27 1.32 -0.71 0.02
C CYS A 27 1.38 -0.86 -1.51
N ILE A 28 0.41 -1.55 -2.02
CA ILE A 28 0.27 -1.81 -3.48
C ILE A 28 -1.16 -1.38 -3.80
N GLY A 29 -1.63 -1.67 -4.98
CA GLY A 29 -3.02 -1.28 -5.38
C GLY A 29 -3.94 -2.49 -5.50
N ALA A 30 -5.12 -2.39 -4.95
CA ALA A 30 -6.10 -3.51 -5.01
C ALA A 30 -6.47 -3.71 -6.48
N HIS A 31 -6.67 -2.60 -7.12
CA HIS A 31 -7.03 -2.58 -8.57
C HIS A 31 -5.73 -2.38 -9.36
N ASP A 33 -2.77 -5.19 -10.06
CA ASP A 33 -2.17 -6.55 -9.89
C ASP A 33 -1.12 -6.73 -11.00
N VAL A 34 -0.36 -5.68 -11.20
CA VAL A 34 0.71 -5.67 -12.24
C VAL A 34 1.81 -4.66 -11.83
N ALA A 1 -1.29 11.96 6.71
CA ALA A 1 -2.10 11.54 5.53
C ALA A 1 -1.73 10.10 5.13
N CYS A 2 -2.67 9.44 4.50
CA CYS A 2 -2.51 8.03 4.02
C CYS A 2 -1.17 7.74 3.31
N SER A 3 -0.92 6.47 3.08
CA SER A 3 0.34 6.03 2.40
C SER A 3 0.10 5.90 0.89
N GLY A 4 1.16 5.85 0.11
CA GLY A 4 1.01 5.72 -1.38
C GLY A 4 1.73 4.49 -1.90
N ARG A 5 1.69 4.34 -3.20
CA ARG A 5 2.36 3.16 -3.84
C ARG A 5 3.87 3.24 -3.60
N GLY A 6 4.34 2.45 -2.67
CA GLY A 6 5.79 2.41 -2.34
C GLY A 6 6.07 2.60 -0.83
N SER A 7 5.03 2.89 -0.08
CA SER A 7 5.19 3.08 1.40
C SER A 7 4.15 2.21 2.11
N ARG A 8 4.55 1.65 3.22
CA ARG A 8 3.65 0.76 4.04
C ARG A 8 2.59 1.51 4.86
N CYS A 9 1.93 0.75 5.71
CA CYS A 9 0.87 1.28 6.59
C CYS A 9 1.21 1.02 8.08
N GLN A 12 -2.43 4.49 6.98
CA GLN A 12 -3.29 3.55 6.17
C GLN A 12 -3.22 3.96 4.70
N CYS A 13 -2.84 3.02 3.85
CA CYS A 13 -2.73 3.33 2.39
C CYS A 13 -3.99 4.01 1.85
N CYS A 14 -3.74 5.00 1.05
CA CYS A 14 -4.81 5.81 0.39
C CYS A 14 -5.83 4.97 -0.38
N MET A 15 -6.89 5.62 -0.78
CA MET A 15 -7.97 4.94 -1.55
C MET A 15 -7.38 4.29 -2.81
N GLY A 16 -7.66 3.02 -2.95
CA GLY A 16 -7.18 2.24 -4.11
C GLY A 16 -6.06 1.30 -3.66
N LEU A 17 -5.30 1.70 -2.67
CA LEU A 17 -4.19 0.85 -2.16
C LEU A 17 -4.60 -0.06 -1.00
N ARG A 18 -3.72 -0.97 -0.77
CA ARG A 18 -3.82 -2.01 0.29
C ARG A 18 -2.42 -2.20 0.86
N CYS A 19 -2.38 -2.52 2.12
CA CYS A 19 -1.09 -2.74 2.84
C CYS A 19 -0.43 -4.08 2.48
N GLY A 20 0.51 -4.04 1.55
CA GLY A 20 1.22 -5.28 1.14
C GLY A 20 2.20 -5.68 2.23
N ARG A 21 1.87 -6.74 2.94
CA ARG A 21 2.73 -7.24 4.04
C ARG A 21 4.07 -7.75 3.49
N GLY A 22 5.07 -7.75 4.35
CA GLY A 22 6.44 -8.21 3.96
C GLY A 22 7.48 -7.45 4.79
N ASN A 23 8.71 -7.52 4.34
CA ASN A 23 9.83 -6.84 5.04
C ASN A 23 10.84 -6.33 3.99
N PRO A 24 10.99 -5.03 3.82
CA PRO A 24 10.15 -3.97 4.46
C PRO A 24 8.74 -3.93 3.83
N GLN A 25 7.74 -3.78 4.67
CA GLN A 25 6.32 -3.72 4.18
C GLN A 25 6.16 -2.58 3.16
N LYS A 26 5.17 -2.69 2.32
CA LYS A 26 4.91 -1.64 1.29
C LYS A 26 3.48 -1.74 0.75
N CYS A 27 2.80 -0.62 0.63
CA CYS A 27 1.41 -0.64 0.12
C CYS A 27 1.49 -0.77 -1.40
N ILE A 28 0.51 -1.42 -1.95
CA ILE A 28 0.41 -1.64 -3.42
C ILE A 28 -1.04 -1.33 -3.75
N GLY A 29 -1.43 -1.56 -4.97
CA GLY A 29 -2.84 -1.28 -5.35
C GLY A 29 -3.68 -2.55 -5.36
N ALA A 30 -4.89 -2.39 -4.89
CA ALA A 30 -5.86 -3.53 -4.82
C ALA A 30 -6.49 -3.63 -6.22
N HIS A 31 -6.88 -2.48 -6.71
CA HIS A 31 -7.51 -2.36 -8.06
C HIS A 31 -6.37 -2.13 -9.09
N ASP A 33 -5.28 -4.33 -11.02
CA ASP A 33 -5.51 -5.47 -11.95
C ASP A 33 -4.79 -6.74 -11.42
N VAL A 34 -4.80 -6.84 -10.12
CA VAL A 34 -4.14 -7.99 -9.42
C VAL A 34 -5.25 -8.96 -8.95
N ALA A 1 -3.64 11.31 7.15
CA ALA A 1 -2.55 11.10 6.15
C ALA A 1 -2.42 9.61 5.83
N CYS A 2 -2.53 9.30 4.57
CA CYS A 2 -2.43 7.89 4.08
C CYS A 2 -1.06 7.63 3.44
N SER A 3 -0.89 6.41 3.01
CA SER A 3 0.39 5.97 2.35
C SER A 3 0.16 5.85 0.84
N GLY A 4 1.20 6.12 0.09
CA GLY A 4 1.12 6.05 -1.41
C GLY A 4 1.74 4.72 -1.82
N ARG A 5 1.59 4.37 -3.07
CA ARG A 5 2.17 3.08 -3.56
C ARG A 5 3.71 3.13 -3.52
N GLY A 6 4.23 2.67 -2.41
CA GLY A 6 5.70 2.63 -2.18
C GLY A 6 6.02 2.95 -0.72
N SER A 7 5.02 3.39 0.01
CA SER A 7 5.19 3.73 1.46
C SER A 7 4.60 2.58 2.27
N ARG A 8 5.04 2.47 3.49
CA ARG A 8 4.56 1.38 4.41
C ARG A 8 3.13 1.64 4.88
N CYS A 9 2.69 0.82 5.81
CA CYS A 9 1.32 0.95 6.37
C CYS A 9 1.28 0.51 7.85
N GLN A 12 -2.15 4.35 6.90
CA GLN A 12 -3.14 3.49 6.16
C GLN A 12 -3.15 3.91 4.69
N CYS A 13 -2.82 2.98 3.82
CA CYS A 13 -2.79 3.29 2.36
C CYS A 13 -4.03 4.03 1.84
N CYS A 14 -3.73 4.95 0.97
CA CYS A 14 -4.74 5.82 0.32
C CYS A 14 -5.77 5.02 -0.49
N MET A 15 -6.74 5.75 -1.01
CA MET A 15 -7.82 5.14 -1.83
C MET A 15 -7.24 4.36 -3.02
N GLY A 16 -7.68 3.14 -3.14
CA GLY A 16 -7.23 2.25 -4.24
C GLY A 16 -6.09 1.33 -3.79
N LEU A 17 -5.36 1.73 -2.78
CA LEU A 17 -4.24 0.89 -2.26
C LEU A 17 -4.67 -0.04 -1.13
N ARG A 18 -3.79 -0.97 -0.87
CA ARG A 18 -3.96 -2.01 0.18
C ARG A 18 -2.56 -2.25 0.75
N CYS A 19 -2.54 -2.56 2.02
CA CYS A 19 -1.26 -2.81 2.74
C CYS A 19 -0.59 -4.16 2.46
N GLY A 20 0.50 -4.11 1.73
CA GLY A 20 1.25 -5.34 1.38
C GLY A 20 2.21 -5.63 2.53
N ARG A 21 1.90 -6.66 3.28
CA ARG A 21 2.74 -7.08 4.44
C ARG A 21 4.13 -7.51 3.97
N GLY A 22 5.13 -6.91 4.55
CA GLY A 22 6.55 -7.23 4.19
C GLY A 22 7.51 -6.43 5.07
N ASN A 23 8.77 -6.51 4.73
CA ASN A 23 9.83 -5.79 5.49
C ASN A 23 10.82 -5.17 4.48
N PRO A 24 10.77 -3.86 4.29
CA PRO A 24 9.80 -2.93 4.93
C PRO A 24 8.40 -3.07 4.32
N GLN A 25 7.39 -2.97 5.15
CA GLN A 25 5.97 -3.09 4.68
C GLN A 25 5.76 -2.06 3.55
N LYS A 26 4.89 -2.37 2.61
CA LYS A 26 4.65 -1.40 1.49
C LYS A 26 3.28 -1.60 0.82
N CYS A 27 2.57 -0.50 0.69
CA CYS A 27 1.23 -0.51 0.05
C CYS A 27 1.34 -0.70 -1.46
N ILE A 28 0.39 -1.42 -1.97
CA ILE A 28 0.31 -1.73 -3.44
C ILE A 28 -1.13 -1.39 -3.80
N GLY A 29 -1.59 -1.82 -4.95
CA GLY A 29 -2.99 -1.52 -5.36
C GLY A 29 -3.93 -2.74 -5.32
N ALA A 30 -5.14 -2.46 -4.92
CA ALA A 30 -6.22 -3.49 -4.82
C ALA A 30 -6.86 -3.59 -6.21
N HIS A 31 -6.93 -2.46 -6.86
CA HIS A 31 -7.51 -2.37 -8.22
C HIS A 31 -6.37 -2.66 -9.21
N ASP A 33 -4.54 -6.55 -10.12
CA ASP A 33 -4.35 -8.00 -9.84
C ASP A 33 -3.41 -8.55 -10.92
N VAL A 34 -2.26 -7.92 -10.98
CA VAL A 34 -1.18 -8.28 -11.95
C VAL A 34 0.04 -8.80 -11.18
N ALA A 1 -3.58 11.30 7.46
CA ALA A 1 -2.91 11.09 6.15
C ALA A 1 -2.91 9.58 5.80
N CYS A 2 -2.61 9.29 4.56
CA CYS A 2 -2.57 7.89 4.07
C CYS A 2 -1.20 7.61 3.41
N SER A 3 -0.97 6.37 3.08
CA SER A 3 0.31 5.97 2.43
C SER A 3 0.12 5.87 0.91
N GLY A 4 1.22 5.76 0.22
CA GLY A 4 1.19 5.65 -1.28
C GLY A 4 1.83 4.34 -1.72
N ARG A 5 1.69 4.04 -2.99
CA ARG A 5 2.27 2.78 -3.55
C ARG A 5 3.81 2.88 -3.53
N GLY A 6 4.36 2.56 -2.40
CA GLY A 6 5.83 2.60 -2.18
C GLY A 6 6.14 2.74 -0.68
N SER A 7 5.12 2.93 0.10
CA SER A 7 5.27 3.07 1.59
C SER A 7 4.16 2.24 2.25
N ARG A 8 4.55 1.51 3.26
CA ARG A 8 3.61 0.65 4.03
C ARG A 8 2.58 1.44 4.85
N CYS A 9 1.89 0.71 5.69
CA CYS A 9 0.86 1.31 6.57
C CYS A 9 1.28 1.11 8.05
N GLN A 12 -2.36 4.53 6.99
CA GLN A 12 -3.18 3.58 6.16
C GLN A 12 -3.19 3.99 4.69
N CYS A 13 -2.75 3.09 3.83
CA CYS A 13 -2.69 3.38 2.37
C CYS A 13 -3.97 4.05 1.85
N CYS A 14 -3.74 5.02 1.02
CA CYS A 14 -4.83 5.83 0.39
C CYS A 14 -5.86 4.98 -0.35
N MET A 15 -6.95 5.60 -0.71
CA MET A 15 -8.05 4.91 -1.44
C MET A 15 -7.51 4.26 -2.72
N GLY A 16 -7.81 3.00 -2.86
CA GLY A 16 -7.37 2.21 -4.04
C GLY A 16 -6.22 1.28 -3.62
N LEU A 17 -5.43 1.74 -2.67
CA LEU A 17 -4.28 0.93 -2.18
C LEU A 17 -4.67 -0.02 -1.04
N ARG A 18 -3.74 -0.90 -0.80
CA ARG A 18 -3.84 -1.94 0.26
C ARG A 18 -2.43 -2.11 0.82
N CYS A 19 -2.38 -2.43 2.09
CA CYS A 19 -1.07 -2.64 2.78
C CYS A 19 -0.40 -3.98 2.40
N GLY A 20 0.53 -3.91 1.47
CA GLY A 20 1.25 -5.14 1.00
C GLY A 20 2.23 -5.64 2.08
N ARG A 21 2.15 -6.92 2.30
CA ARG A 21 2.99 -7.66 3.29
C ARG A 21 4.36 -7.06 3.67
N GLY A 22 4.68 -7.31 4.91
CA GLY A 22 5.96 -6.87 5.57
C GLY A 22 7.25 -7.48 5.07
N ASN A 23 7.42 -7.49 3.78
CA ASN A 23 8.66 -8.06 3.21
C ASN A 23 8.86 -7.54 1.76
N PRO A 24 9.45 -6.38 1.61
CA PRO A 24 9.59 -5.32 2.66
C PRO A 24 8.30 -4.50 2.75
N GLN A 25 7.62 -4.56 3.88
CA GLN A 25 6.34 -3.78 4.11
C GLN A 25 6.16 -2.58 3.17
N LYS A 26 5.16 -2.68 2.32
CA LYS A 26 4.87 -1.58 1.34
C LYS A 26 3.45 -1.63 0.77
N CYS A 27 2.79 -0.50 0.63
CA CYS A 27 1.40 -0.53 0.07
C CYS A 27 1.49 -0.65 -1.45
N ILE A 28 0.49 -1.29 -1.99
CA ILE A 28 0.39 -1.52 -3.46
C ILE A 28 -1.08 -1.22 -3.76
N GLY A 29 -1.50 -1.52 -4.97
CA GLY A 29 -2.91 -1.25 -5.35
C GLY A 29 -3.73 -2.55 -5.39
N ALA A 30 -4.95 -2.44 -4.92
CA ALA A 30 -5.86 -3.62 -4.89
C ALA A 30 -6.37 -3.79 -6.34
N HIS A 31 -6.81 -2.67 -6.86
CA HIS A 31 -7.35 -2.61 -8.26
C HIS A 31 -6.21 -2.25 -9.22
N ASP A 33 -4.91 -4.21 -11.23
CA ASP A 33 -5.06 -5.35 -12.19
C ASP A 33 -4.32 -6.60 -11.65
N VAL A 34 -4.39 -6.72 -10.35
CA VAL A 34 -3.75 -7.86 -9.62
C VAL A 34 -4.82 -8.49 -8.69
N ALA A 1 -4.56 11.02 7.00
CA ALA A 1 -3.28 10.86 6.26
C ALA A 1 -3.14 9.40 5.81
N CYS A 2 -2.65 9.21 4.60
CA CYS A 2 -2.46 7.85 4.03
C CYS A 2 -1.05 7.64 3.45
N SER A 3 -0.80 6.40 3.09
CA SER A 3 0.52 6.01 2.50
C SER A 3 0.31 5.82 1.00
N GLY A 4 1.34 6.07 0.23
CA GLY A 4 1.23 5.92 -1.26
C GLY A 4 1.85 4.59 -1.70
N ARG A 5 1.76 4.30 -2.98
CA ARG A 5 2.34 3.03 -3.51
C ARG A 5 3.87 3.12 -3.45
N GLY A 6 4.37 2.71 -2.31
CA GLY A 6 5.84 2.71 -2.05
C GLY A 6 6.10 2.88 -0.54
N SER A 7 5.05 3.12 0.20
CA SER A 7 5.14 3.31 1.68
C SER A 7 4.14 2.32 2.30
N ARG A 8 4.49 1.75 3.43
CA ARG A 8 3.57 0.79 4.10
C ARG A 8 2.54 1.51 4.97
N CYS A 9 1.79 0.73 5.70
CA CYS A 9 0.75 1.26 6.61
C CYS A 9 1.14 1.05 8.09
N GLN A 12 -2.46 4.46 6.92
CA GLN A 12 -3.26 3.51 6.07
C GLN A 12 -3.16 3.88 4.60
N CYS A 13 -2.78 2.92 3.78
CA CYS A 13 -2.66 3.22 2.31
C CYS A 13 -3.90 3.93 1.76
N CYS A 14 -3.61 4.90 0.94
CA CYS A 14 -4.64 5.74 0.26
C CYS A 14 -5.67 4.92 -0.53
N MET A 15 -6.73 5.59 -0.89
CA MET A 15 -7.84 4.95 -1.66
C MET A 15 -7.31 4.29 -2.94
N GLY A 16 -7.61 3.02 -3.05
CA GLY A 16 -7.18 2.22 -4.22
C GLY A 16 -6.06 1.27 -3.79
N LEU A 17 -5.26 1.71 -2.85
CA LEU A 17 -4.13 0.88 -2.35
C LEU A 17 -4.56 -0.04 -1.20
N ARG A 18 -3.66 -0.95 -0.93
CA ARG A 18 -3.79 -1.98 0.14
C ARG A 18 -2.40 -2.13 0.74
N CYS A 19 -2.36 -2.50 1.98
CA CYS A 19 -1.05 -2.70 2.69
C CYS A 19 -0.39 -4.04 2.36
N GLY A 20 0.58 -4.00 1.47
CA GLY A 20 1.30 -5.26 1.08
C GLY A 20 2.34 -5.61 2.15
N ARG A 21 2.04 -6.59 2.96
CA ARG A 21 2.98 -7.02 4.03
C ARG A 21 4.31 -7.52 3.44
N GLY A 22 5.39 -7.10 4.05
CA GLY A 22 6.75 -7.50 3.59
C GLY A 22 7.79 -7.07 4.63
N ASN A 23 8.98 -6.77 4.17
CA ASN A 23 10.05 -6.33 5.10
C ASN A 23 11.16 -5.57 4.34
N PRO A 24 11.13 -4.26 4.33
CA PRO A 24 10.04 -3.41 4.90
C PRO A 24 8.77 -3.55 4.07
N GLN A 25 7.64 -3.61 4.74
CA GLN A 25 6.32 -3.73 4.03
C GLN A 25 6.13 -2.54 3.06
N LYS A 26 5.17 -2.66 2.18
CA LYS A 26 4.89 -1.56 1.19
C LYS A 26 3.47 -1.68 0.61
N CYS A 27 2.79 -0.57 0.49
CA CYS A 27 1.41 -0.60 -0.07
C CYS A 27 1.49 -0.74 -1.59
N ILE A 28 0.52 -1.46 -2.11
CA ILE A 28 0.42 -1.72 -3.57
C ILE A 28 -1.04 -1.42 -3.90
N GLY A 29 -1.49 -1.78 -5.08
CA GLY A 29 -2.90 -1.51 -5.46
C GLY A 29 -3.80 -2.75 -5.33
N ALA A 30 -4.98 -2.51 -4.84
CA ALA A 30 -6.01 -3.57 -4.64
C ALA A 30 -6.82 -3.63 -5.94
N HIS A 31 -7.07 -2.45 -6.45
CA HIS A 31 -7.84 -2.27 -7.72
C HIS A 31 -6.83 -2.32 -8.89
N ASP A 33 -6.00 -5.05 -11.23
CA ASP A 33 -6.26 -6.37 -11.88
C ASP A 33 -5.50 -6.46 -13.21
N VAL A 34 -4.34 -5.86 -13.21
CA VAL A 34 -3.46 -5.85 -14.43
C VAL A 34 -2.01 -5.55 -14.02
N ALA A 1 -4.14 11.54 5.73
CA ALA A 1 -2.93 11.00 6.38
C ALA A 1 -2.79 9.51 6.02
N CYS A 2 -2.67 9.27 4.74
CA CYS A 2 -2.53 7.90 4.19
C CYS A 2 -1.15 7.73 3.52
N SER A 3 -0.92 6.54 3.02
CA SER A 3 0.36 6.19 2.33
C SER A 3 0.08 6.01 0.83
N GLY A 4 1.08 6.18 0.01
CA GLY A 4 0.89 6.03 -1.47
C GLY A 4 1.48 4.68 -1.88
N ARG A 5 1.25 4.25 -3.09
CA ARG A 5 1.83 2.93 -3.50
C ARG A 5 3.36 2.95 -3.41
N GLY A 6 3.88 2.15 -2.52
CA GLY A 6 5.36 2.05 -2.30
C GLY A 6 5.71 2.48 -0.87
N SER A 7 4.83 3.24 -0.26
CA SER A 7 5.05 3.73 1.13
C SER A 7 4.58 2.60 2.05
N ARG A 8 5.02 2.61 3.28
CA ARG A 8 4.60 1.53 4.22
C ARG A 8 3.16 1.78 4.68
N CYS A 9 2.78 1.08 5.72
CA CYS A 9 1.42 1.21 6.28
C CYS A 9 1.37 0.69 7.75
N GLN A 12 -2.27 4.28 6.92
CA GLN A 12 -3.12 3.40 6.05
C GLN A 12 -3.04 3.86 4.59
N CYS A 13 -2.74 2.94 3.70
CA CYS A 13 -2.65 3.32 2.26
C CYS A 13 -3.96 3.98 1.79
N CYS A 14 -3.78 5.01 0.99
CA CYS A 14 -4.91 5.79 0.43
C CYS A 14 -5.85 4.94 -0.43
N MET A 15 -6.95 5.53 -0.81
CA MET A 15 -7.96 4.82 -1.65
C MET A 15 -7.31 4.43 -2.98
N GLY A 16 -7.22 3.14 -3.14
CA GLY A 16 -6.62 2.53 -4.35
C GLY A 16 -5.72 1.40 -3.86
N LEU A 17 -4.96 1.76 -2.87
CA LEU A 17 -4.00 0.82 -2.25
C LEU A 17 -4.57 -0.12 -1.18
N ARG A 18 -3.69 -1.04 -0.88
CA ARG A 18 -3.88 -2.13 0.12
C ARG A 18 -2.49 -2.31 0.71
N CYS A 19 -2.47 -2.62 1.98
CA CYS A 19 -1.17 -2.83 2.69
C CYS A 19 -0.51 -4.20 2.51
N GLY A 20 0.57 -4.20 1.76
CA GLY A 20 1.32 -5.47 1.50
C GLY A 20 2.31 -5.67 2.65
N ARG A 21 2.03 -6.66 3.47
CA ARG A 21 2.91 -6.98 4.64
C ARG A 21 4.36 -7.26 4.20
N GLY A 22 5.27 -6.91 5.07
CA GLY A 22 6.72 -7.12 4.79
C GLY A 22 7.57 -6.39 5.84
N ASN A 23 8.78 -6.10 5.46
CA ASN A 23 9.72 -5.39 6.38
C ASN A 23 10.86 -4.73 5.55
N PRO A 24 10.80 -3.44 5.32
CA PRO A 24 9.67 -2.55 5.74
C PRO A 24 8.40 -2.86 4.92
N GLN A 25 7.26 -2.83 5.58
CA GLN A 25 5.96 -3.10 4.89
C GLN A 25 5.80 -2.13 3.73
N LYS A 26 5.01 -2.49 2.74
CA LYS A 26 4.80 -1.60 1.56
C LYS A 26 3.45 -1.81 0.87
N CYS A 27 2.77 -0.71 0.68
CA CYS A 27 1.44 -0.70 0.02
C CYS A 27 1.59 -0.95 -1.48
N ILE A 28 0.57 -1.58 -2.00
CA ILE A 28 0.46 -1.92 -3.44
C ILE A 28 -0.98 -1.52 -3.78
N GLY A 29 -1.43 -1.88 -4.96
CA GLY A 29 -2.81 -1.53 -5.37
C GLY A 29 -3.75 -2.73 -5.41
N ALA A 30 -4.96 -2.48 -4.98
CA ALA A 30 -6.03 -3.53 -4.94
C ALA A 30 -6.75 -3.50 -6.29
N HIS A 31 -7.04 -2.29 -6.71
CA HIS A 31 -7.75 -2.06 -8.01
C HIS A 31 -6.68 -1.78 -9.08
N ASP A 33 -5.79 -2.94 -11.94
CA ASP A 33 -6.22 -3.68 -13.16
C ASP A 33 -5.43 -3.18 -14.38
N VAL A 34 -4.15 -2.99 -14.19
CA VAL A 34 -3.26 -2.50 -15.29
C VAL A 34 -1.98 -3.35 -15.42
N ALA A 1 -3.67 11.38 7.31
CA ALA A 1 -2.85 11.11 6.10
C ALA A 1 -2.85 9.62 5.76
N CYS A 2 -2.50 9.34 4.53
CA CYS A 2 -2.46 7.93 4.02
C CYS A 2 -1.08 7.63 3.40
N SER A 3 -0.90 6.39 3.01
CA SER A 3 0.39 5.95 2.38
C SER A 3 0.18 5.81 0.87
N GLY A 4 1.22 6.05 0.12
CA GLY A 4 1.14 5.95 -1.37
C GLY A 4 1.73 4.61 -1.81
N ARG A 5 1.67 4.34 -3.08
CA ARG A 5 2.22 3.04 -3.60
C ARG A 5 3.76 3.15 -3.55
N GLY A 6 4.27 2.89 -2.38
CA GLY A 6 5.74 2.95 -2.13
C GLY A 6 6.02 3.02 -0.62
N SER A 7 4.96 3.06 0.17
CA SER A 7 5.10 3.13 1.66
C SER A 7 4.04 2.23 2.32
N ARG A 8 4.45 1.52 3.33
CA ARG A 8 3.56 0.59 4.08
C ARG A 8 2.55 1.36 4.95
N CYS A 9 1.78 0.63 5.70
CA CYS A 9 0.75 1.23 6.58
C CYS A 9 1.14 1.02 8.07
N GLN A 12 -2.42 4.54 6.96
CA GLN A 12 -3.26 3.62 6.14
C GLN A 12 -3.19 4.00 4.66
N CYS A 13 -2.85 3.04 3.82
CA CYS A 13 -2.74 3.34 2.36
C CYS A 13 -3.98 4.08 1.83
N CYS A 14 -3.70 5.00 0.96
CA CYS A 14 -4.73 5.85 0.30
C CYS A 14 -5.75 5.03 -0.49
N MET A 15 -6.77 5.72 -0.93
CA MET A 15 -7.86 5.07 -1.72
C MET A 15 -7.27 4.36 -2.94
N GLY A 16 -7.63 3.11 -3.06
CA GLY A 16 -7.16 2.26 -4.19
C GLY A 16 -6.05 1.31 -3.73
N LEU A 17 -5.32 1.69 -2.71
CA LEU A 17 -4.22 0.83 -2.21
C LEU A 17 -4.65 -0.08 -1.03
N ARG A 18 -3.77 -1.00 -0.78
CA ARG A 18 -3.89 -2.02 0.30
C ARG A 18 -2.49 -2.19 0.88
N CYS A 19 -2.46 -2.50 2.14
CA CYS A 19 -1.16 -2.72 2.86
C CYS A 19 -0.47 -4.04 2.49
N GLY A 20 0.50 -3.97 1.60
CA GLY A 20 1.25 -5.19 1.18
C GLY A 20 2.23 -5.56 2.28
N ARG A 21 1.74 -6.37 3.20
CA ARG A 21 2.55 -6.83 4.35
C ARG A 21 3.76 -7.68 3.92
N GLY A 22 3.75 -8.09 2.67
CA GLY A 22 4.88 -8.91 2.13
C GLY A 22 6.15 -8.06 2.10
N ASN A 23 7.28 -8.71 2.18
CA ASN A 23 8.58 -7.99 2.16
C ASN A 23 8.98 -7.59 0.72
N PRO A 24 9.46 -6.38 0.52
CA PRO A 24 9.55 -5.30 1.54
C PRO A 24 8.16 -4.77 1.89
N GLN A 25 7.91 -4.58 3.16
CA GLN A 25 6.59 -4.06 3.63
C GLN A 25 6.30 -2.71 2.96
N LYS A 26 5.30 -2.71 2.12
CA LYS A 26 4.89 -1.48 1.39
C LYS A 26 3.45 -1.62 0.85
N CYS A 27 2.76 -0.50 0.68
CA CYS A 27 1.37 -0.57 0.16
C CYS A 27 1.45 -0.73 -1.36
N ILE A 28 0.48 -1.41 -1.89
CA ILE A 28 0.38 -1.65 -3.35
C ILE A 28 -1.07 -1.36 -3.71
N GLY A 29 -1.43 -1.61 -4.94
CA GLY A 29 -2.83 -1.34 -5.37
C GLY A 29 -3.71 -2.60 -5.35
N ALA A 30 -4.89 -2.41 -4.83
CA ALA A 30 -5.90 -3.50 -4.70
C ALA A 30 -6.55 -3.70 -6.08
N HIS A 31 -6.83 -2.56 -6.69
CA HIS A 31 -7.46 -2.54 -8.05
C HIS A 31 -6.31 -2.57 -9.07
N ASP A 33 -4.31 -5.88 -10.40
CA ASP A 33 -4.05 -7.36 -10.40
C ASP A 33 -3.00 -7.69 -11.46
N VAL A 34 -2.11 -6.76 -11.64
CA VAL A 34 -1.01 -6.89 -12.64
C VAL A 34 0.33 -6.36 -12.05
N ALA A 1 -2.55 11.70 7.05
CA ALA A 1 -2.33 11.63 5.58
C ALA A 1 -1.91 10.20 5.22
N CYS A 2 -2.74 9.53 4.46
CA CYS A 2 -2.50 8.12 4.02
C CYS A 2 -1.13 7.88 3.33
N SER A 3 -0.88 6.63 3.01
CA SER A 3 0.40 6.21 2.35
C SER A 3 0.17 6.07 0.84
N GLY A 4 1.26 5.93 0.12
CA GLY A 4 1.20 5.80 -1.37
C GLY A 4 1.83 4.46 -1.78
N ARG A 5 1.66 4.10 -3.03
CA ARG A 5 2.24 2.82 -3.54
C ARG A 5 3.77 2.93 -3.54
N GLY A 6 4.32 2.60 -2.40
CA GLY A 6 5.79 2.64 -2.19
C GLY A 6 6.10 2.78 -0.68
N SER A 7 5.07 2.99 0.10
CA SER A 7 5.22 3.14 1.58
C SER A 7 4.10 2.31 2.23
N ARG A 8 4.48 1.57 3.25
CA ARG A 8 3.53 0.69 4.00
C ARG A 8 2.42 1.42 4.78
N CYS A 9 1.95 0.73 5.80
CA CYS A 9 0.88 1.24 6.68
C CYS A 9 1.15 0.97 8.19
N GLN A 12 -2.42 4.66 6.87
CA GLN A 12 -3.29 3.71 6.11
C GLN A 12 -3.10 4.00 4.62
N CYS A 13 -2.86 3.00 3.82
CA CYS A 13 -2.68 3.28 2.36
C CYS A 13 -3.91 4.00 1.81
N CYS A 14 -3.65 4.98 1.00
CA CYS A 14 -4.73 5.80 0.37
C CYS A 14 -5.75 4.95 -0.42
N MET A 15 -6.81 5.60 -0.81
CA MET A 15 -7.89 4.94 -1.59
C MET A 15 -7.34 4.20 -2.82
N GLY A 16 -7.75 2.96 -2.95
CA GLY A 16 -7.31 2.11 -4.09
C GLY A 16 -6.16 1.19 -3.67
N LEU A 17 -5.40 1.62 -2.69
CA LEU A 17 -4.25 0.82 -2.20
C LEU A 17 -4.64 -0.17 -1.08
N ARG A 18 -3.70 -1.05 -0.84
CA ARG A 18 -3.81 -2.12 0.18
C ARG A 18 -2.40 -2.28 0.76
N CYS A 19 -2.36 -2.56 2.03
CA CYS A 19 -1.06 -2.74 2.75
C CYS A 19 -0.39 -4.10 2.43
N GLY A 20 0.58 -4.06 1.53
CA GLY A 20 1.31 -5.31 1.15
C GLY A 20 2.37 -5.65 2.20
N ARG A 21 2.17 -6.74 2.89
CA ARG A 21 3.15 -7.15 3.94
C ARG A 21 4.50 -7.54 3.32
N GLY A 22 5.53 -7.20 4.03
CA GLY A 22 6.93 -7.49 3.57
C GLY A 22 7.90 -7.05 4.67
N ASN A 23 9.10 -6.70 4.26
CA ASN A 23 10.13 -6.24 5.24
C ASN A 23 11.22 -5.45 4.49
N PRO A 24 11.16 -4.13 4.52
CA PRO A 24 10.05 -3.33 5.09
C PRO A 24 8.78 -3.45 4.23
N GLN A 25 7.66 -3.58 4.90
CA GLN A 25 6.34 -3.69 4.19
C GLN A 25 6.15 -2.51 3.21
N LYS A 26 5.18 -2.61 2.33
CA LYS A 26 4.92 -1.52 1.34
C LYS A 26 3.50 -1.62 0.75
N CYS A 27 2.80 -0.51 0.64
CA CYS A 27 1.42 -0.58 0.06
C CYS A 27 1.51 -0.70 -1.46
N ILE A 28 0.54 -1.39 -2.00
CA ILE A 28 0.44 -1.62 -3.46
C ILE A 28 -1.03 -1.31 -3.78
N GLY A 29 -1.45 -1.64 -4.96
CA GLY A 29 -2.86 -1.38 -5.36
C GLY A 29 -3.70 -2.66 -5.43
N ALA A 30 -4.91 -2.52 -4.98
CA ALA A 30 -5.89 -3.65 -4.96
C ALA A 30 -6.60 -3.68 -6.32
N HIS A 31 -7.04 -2.51 -6.71
CA HIS A 31 -7.75 -2.32 -8.01
C HIS A 31 -6.70 -1.88 -9.05
N ASP A 33 -3.09 -4.01 -10.88
CA ASP A 33 -2.73 -5.18 -11.72
C ASP A 33 -1.65 -5.95 -10.94
N VAL A 34 -1.81 -5.91 -9.64
CA VAL A 34 -0.88 -6.58 -8.69
C VAL A 34 -1.71 -7.34 -7.63
N ALA A 1 -3.40 11.17 7.59
CA ALA A 1 -2.68 11.01 6.30
C ALA A 1 -2.60 9.53 5.92
N CYS A 2 -2.45 9.27 4.65
CA CYS A 2 -2.36 7.88 4.12
C CYS A 2 -0.99 7.68 3.46
N SER A 3 -0.77 6.47 2.99
CA SER A 3 0.51 6.11 2.31
C SER A 3 0.25 5.89 0.82
N GLY A 4 1.25 6.14 0.02
CA GLY A 4 1.13 5.96 -1.47
C GLY A 4 1.69 4.60 -1.87
N ARG A 5 1.51 4.21 -3.10
CA ARG A 5 2.04 2.89 -3.55
C ARG A 5 3.57 2.93 -3.45
N GLY A 6 4.08 2.12 -2.56
CA GLY A 6 5.57 2.03 -2.34
C GLY A 6 5.91 2.51 -0.91
N SER A 7 4.94 3.14 -0.28
CA SER A 7 5.12 3.67 1.10
C SER A 7 4.54 2.59 2.03
N ARG A 8 4.99 2.57 3.25
CA ARG A 8 4.50 1.56 4.23
C ARG A 8 3.06 1.80 4.69
N CYS A 9 2.69 1.10 5.73
CA CYS A 9 1.32 1.22 6.30
C CYS A 9 1.30 0.71 7.76
N GLN A 12 -2.26 4.38 7.00
CA GLN A 12 -3.15 3.51 6.17
C GLN A 12 -3.05 3.90 4.69
N CYS A 13 -2.78 2.93 3.85
CA CYS A 13 -2.68 3.23 2.39
C CYS A 13 -3.91 3.99 1.88
N CYS A 14 -3.64 4.91 1.01
CA CYS A 14 -4.70 5.77 0.39
C CYS A 14 -5.77 4.96 -0.37
N MET A 15 -6.79 5.67 -0.80
CA MET A 15 -7.91 5.04 -1.55
C MET A 15 -7.39 4.31 -2.79
N GLY A 16 -7.77 3.06 -2.89
CA GLY A 16 -7.36 2.21 -4.03
C GLY A 16 -6.21 1.27 -3.65
N LEU A 17 -5.44 1.66 -2.65
CA LEU A 17 -4.30 0.83 -2.20
C LEU A 17 -4.69 -0.17 -1.11
N ARG A 18 -3.79 -1.09 -0.92
CA ARG A 18 -3.92 -2.18 0.09
C ARG A 18 -2.52 -2.33 0.67
N CYS A 19 -2.49 -2.60 1.95
CA CYS A 19 -1.20 -2.77 2.68
C CYS A 19 -0.51 -4.13 2.45
N GLY A 20 0.53 -4.11 1.66
CA GLY A 20 1.28 -5.37 1.36
C GLY A 20 2.28 -5.62 2.49
N ARG A 21 2.06 -6.71 3.18
CA ARG A 21 2.95 -7.13 4.32
C ARG A 21 4.43 -7.18 3.89
N GLY A 22 5.29 -6.93 4.86
CA GLY A 22 6.76 -6.96 4.59
C GLY A 22 7.51 -6.29 5.75
N ASN A 23 8.75 -5.93 5.48
CA ASN A 23 9.59 -5.26 6.53
C ASN A 23 10.77 -4.52 5.85
N PRO A 24 10.65 -3.22 5.68
CA PRO A 24 9.45 -2.40 6.01
C PRO A 24 8.29 -2.70 5.05
N GLN A 25 7.10 -2.78 5.61
CA GLN A 25 5.87 -3.07 4.80
C GLN A 25 5.74 -2.07 3.63
N LYS A 26 4.92 -2.39 2.67
CA LYS A 26 4.71 -1.49 1.50
C LYS A 26 3.35 -1.71 0.82
N CYS A 27 2.64 -0.62 0.67
CA CYS A 27 1.30 -0.63 0.03
C CYS A 27 1.44 -0.76 -1.48
N ILE A 28 0.46 -1.42 -2.02
CA ILE A 28 0.37 -1.68 -3.48
C ILE A 28 -1.08 -1.33 -3.80
N GLY A 29 -1.54 -1.69 -4.96
CA GLY A 29 -2.95 -1.40 -5.35
C GLY A 29 -3.83 -2.64 -5.39
N ALA A 30 -5.07 -2.43 -5.03
CA ALA A 30 -6.08 -3.54 -5.02
C ALA A 30 -6.61 -3.65 -6.45
N HIS A 31 -6.93 -2.50 -6.98
CA HIS A 31 -7.46 -2.38 -8.39
C HIS A 31 -6.23 -2.05 -9.24
N ASP A 33 -2.64 -4.56 -10.67
CA ASP A 33 -2.25 -5.73 -11.51
C ASP A 33 -1.15 -6.49 -10.75
N VAL A 34 -1.49 -6.86 -9.55
CA VAL A 34 -0.54 -7.62 -8.67
C VAL A 34 -0.54 -9.11 -9.07
N ALA A 1 -1.39 12.33 6.51
CA ALA A 1 -2.00 11.84 5.24
C ALA A 1 -1.69 10.35 5.06
N CYS A 2 -2.51 9.71 4.27
CA CYS A 2 -2.38 8.24 3.97
C CYS A 2 -1.03 7.91 3.30
N SER A 3 -0.86 6.65 2.97
CA SER A 3 0.40 6.17 2.32
C SER A 3 0.15 5.97 0.82
N GLY A 4 1.16 6.19 0.03
CA GLY A 4 1.04 6.03 -1.45
C GLY A 4 1.67 4.71 -1.86
N ARG A 5 1.54 4.35 -3.12
CA ARG A 5 2.13 3.06 -3.59
C ARG A 5 3.66 3.14 -3.43
N GLY A 6 4.14 2.49 -2.40
CA GLY A 6 5.60 2.46 -2.10
C GLY A 6 5.85 2.65 -0.59
N SER A 7 4.82 3.05 0.12
CA SER A 7 4.92 3.29 1.59
C SER A 7 3.99 2.28 2.29
N ARG A 8 4.48 1.68 3.35
CA ARG A 8 3.66 0.68 4.11
C ARG A 8 2.59 1.36 4.98
N CYS A 9 1.96 0.58 5.82
CA CYS A 9 0.89 1.10 6.71
C CYS A 9 1.25 0.96 8.21
N GLN A 12 -2.30 4.58 6.84
CA GLN A 12 -3.17 3.62 6.11
C GLN A 12 -3.07 3.97 4.62
N CYS A 13 -2.86 2.98 3.79
CA CYS A 13 -2.76 3.29 2.33
C CYS A 13 -3.99 4.03 1.83
N CYS A 14 -3.72 5.01 1.00
CA CYS A 14 -4.75 5.87 0.39
C CYS A 14 -5.80 5.07 -0.38
N MET A 15 -6.82 5.76 -0.83
CA MET A 15 -7.92 5.12 -1.59
C MET A 15 -7.36 4.38 -2.82
N GLY A 16 -7.74 3.13 -2.91
CA GLY A 16 -7.29 2.26 -4.03
C GLY A 16 -6.17 1.32 -3.60
N LEU A 17 -5.43 1.69 -2.59
CA LEU A 17 -4.30 0.82 -2.11
C LEU A 17 -4.68 -0.09 -0.94
N ARG A 18 -3.80 -1.03 -0.75
CA ARG A 18 -3.87 -2.08 0.31
C ARG A 18 -2.45 -2.27 0.82
N CYS A 19 -2.36 -2.61 2.06
CA CYS A 19 -1.02 -2.83 2.72
C CYS A 19 -0.37 -4.18 2.37
N GLY A 20 0.58 -4.15 1.45
CA GLY A 20 1.28 -5.40 1.06
C GLY A 20 2.27 -5.70 2.19
N ARG A 21 1.95 -6.67 3.00
CA ARG A 21 2.84 -7.03 4.14
C ARG A 21 4.15 -7.72 3.72
N GLY A 22 5.16 -6.90 3.59
CA GLY A 22 6.53 -7.36 3.19
C GLY A 22 7.51 -7.05 4.32
N ASN A 23 8.75 -6.81 3.96
CA ASN A 23 9.80 -6.50 4.99
C ASN A 23 11.01 -5.80 4.32
N PRO A 24 11.09 -4.48 4.37
CA PRO A 24 10.03 -3.59 4.92
C PRO A 24 8.75 -3.70 4.08
N GLN A 25 7.63 -3.66 4.76
CA GLN A 25 6.30 -3.75 4.08
C GLN A 25 6.14 -2.60 3.06
N LYS A 26 5.14 -2.72 2.23
CA LYS A 26 4.87 -1.66 1.20
C LYS A 26 3.43 -1.72 0.66
N CYS A 27 2.74 -0.62 0.62
CA CYS A 27 1.34 -0.64 0.09
C CYS A 27 1.42 -0.72 -1.43
N ILE A 28 0.44 -1.37 -1.99
CA ILE A 28 0.34 -1.54 -3.46
C ILE A 28 -1.13 -1.27 -3.77
N GLY A 29 -1.51 -1.47 -4.99
CA GLY A 29 -2.93 -1.21 -5.36
C GLY A 29 -3.76 -2.50 -5.33
N ALA A 30 -4.98 -2.35 -4.92
CA ALA A 30 -5.92 -3.52 -4.82
C ALA A 30 -6.39 -3.79 -6.26
N HIS A 31 -6.80 -2.72 -6.90
CA HIS A 31 -7.29 -2.79 -8.31
C HIS A 31 -6.08 -2.44 -9.21
N ASP A 33 -2.32 -4.76 -10.32
CA ASP A 33 -1.84 -5.99 -11.00
C ASP A 33 -1.27 -6.89 -9.89
N VAL A 34 -1.90 -6.77 -8.75
CA VAL A 34 -1.52 -7.55 -7.53
C VAL A 34 -2.08 -8.99 -7.58
#